data_7VTJ
#
_entry.id   7VTJ
#
_cell.length_a   59.850
_cell.length_b   70.380
_cell.length_c   117.530
_cell.angle_alpha   90.00
_cell.angle_beta   90.00
_cell.angle_gamma   90.00
#
_symmetry.space_group_name_H-M   'P 21 21 21'
#
loop_
_entity.id
_entity.type
_entity.pdbx_description
1 polymer 'Heavy chain of Fab'
2 polymer 'Light chain of Fab'
3 polymer 'VQIIYK peptide'
4 water water
#
loop_
_entity_poly.entity_id
_entity_poly.type
_entity_poly.pdbx_seq_one_letter_code
_entity_poly.pdbx_strand_id
1 'polypeptide(L)'
;QVQLQQSGAALVRPGTSVKVSCRASEYAFTNYVIEWVKQRPGQGLEWIGVINPGSGGTNYNEKFKGKATLIADKSSSTAY
MQLSSLTSDDSAVYFCARSTYYSGALDYWGQGTSVTVSSAKTTAPSVYPLAPVCGDTTGSSVTLGCLVKGYFPEPVTLTW
NSGSLSSGVHTFPAVLQSDLYTLSSSVTVTSSTWPSQSITCNVAHPASSTKVDKKIEPR
;
H
2 'polypeptide(L)'
;QLVLTQSSSASFSLGASAKLTCTLSSQHSTYTIEWYQQQPLKPPKYVMELKKDGSHSTGDGIPDRFSGSSSGADRYLSIS
NIQPEDEAIYICGVGDTIKEQFVYVFGGGTKVTVLGQPKSTPTLTVFPPSSEELKENKATLVCLISNFSPSGVTVAWKAN
GTPITQGVDTSNPTKEGNKFMASSFLHLTSDQWRSHNSFTCQVTHEGDTVEKSLSPAEC
;
L
3 'polypeptide(L)' VQIIYK C
#
# COMPACT_ATOMS: atom_id res chain seq x y z
N GLN A 1 -7.70 -22.12 -11.28
CA GLN A 1 -7.60 -20.62 -11.25
C GLN A 1 -8.59 -19.97 -12.23
N VAL A 2 -9.57 -19.26 -11.66
CA VAL A 2 -10.41 -18.35 -12.47
C VAL A 2 -9.58 -17.08 -12.35
N GLN A 3 -9.28 -16.39 -13.43
CA GLN A 3 -8.36 -15.23 -13.27
C GLN A 3 -8.82 -14.02 -14.05
N LEU A 4 -8.53 -12.84 -13.51
CA LEU A 4 -8.81 -11.58 -14.21
C LEU A 4 -7.48 -10.85 -14.32
N GLN A 5 -6.94 -10.71 -15.53
CA GLN A 5 -5.59 -10.10 -15.71
C GLN A 5 -5.70 -8.65 -16.13
N GLN A 6 -5.26 -7.75 -15.25
CA GLN A 6 -5.40 -6.31 -15.55
C GLN A 6 -4.17 -5.74 -16.22
N SER A 7 -4.32 -4.63 -16.96
CA SER A 7 -3.17 -3.94 -17.58
C SER A 7 -2.28 -3.38 -16.48
N GLY A 8 -1.01 -3.05 -16.80
CA GLY A 8 -0.05 -2.60 -15.77
C GLY A 8 -0.15 -1.12 -15.46
N ALA A 9 0.61 -0.70 -14.45
CA ALA A 9 0.67 0.67 -13.91
C ALA A 9 0.80 1.68 -15.04
N ALA A 10 0.12 2.82 -14.89
CA ALA A 10 0.08 3.92 -15.87
C ALA A 10 0.37 5.25 -15.17
N LEU A 11 1.31 6.00 -15.72
CA LEU A 11 1.64 7.38 -15.29
C LEU A 11 1.24 8.27 -16.46
N VAL A 12 0.20 9.09 -16.30
CA VAL A 12 -0.38 9.86 -17.44
C VAL A 12 -0.45 11.33 -17.02
N ARG A 13 -0.57 12.21 -18.01
CA ARG A 13 -0.58 13.69 -17.83
C ARG A 13 -2.01 14.12 -17.57
N PRO A 14 -2.24 15.22 -16.81
CA PRO A 14 -3.56 15.79 -16.68
C PRO A 14 -4.18 16.20 -18.03
N GLY A 15 -5.47 15.89 -18.19
CA GLY A 15 -6.29 16.34 -19.33
C GLY A 15 -6.37 15.26 -20.39
N THR A 16 -5.55 14.21 -20.26
CA THR A 16 -5.50 13.06 -21.20
C THR A 16 -6.60 12.05 -20.84
N SER A 17 -6.64 10.92 -21.53
CA SER A 17 -7.55 9.78 -21.28
C SER A 17 -6.71 8.48 -21.29
N VAL A 18 -6.98 7.56 -20.36
CA VAL A 18 -6.29 6.24 -20.29
C VAL A 18 -7.34 5.13 -20.48
N LYS A 19 -6.88 3.94 -20.89
CA LYS A 19 -7.68 2.71 -21.12
C LYS A 19 -7.03 1.55 -20.39
N VAL A 20 -7.64 1.08 -19.31
CA VAL A 20 -7.23 -0.12 -18.51
C VAL A 20 -7.92 -1.37 -19.10
N SER A 21 -7.25 -2.52 -19.07
CA SER A 21 -7.76 -3.77 -19.68
C SER A 21 -7.90 -4.83 -18.59
N CYS A 22 -8.92 -5.69 -18.72
CA CYS A 22 -9.29 -6.77 -17.78
C CYS A 22 -9.57 -8.03 -18.61
N ARG A 23 -8.60 -8.95 -18.68
CA ARG A 23 -8.68 -10.19 -19.50
C ARG A 23 -9.18 -11.33 -18.60
N ALA A 24 -10.35 -11.90 -18.91
CA ALA A 24 -10.88 -13.08 -18.20
C ALA A 24 -10.22 -14.34 -18.78
N SER A 25 -9.88 -15.30 -17.92
CA SER A 25 -9.42 -16.67 -18.32
C SER A 25 -9.98 -17.71 -17.33
N GLU A 26 -10.36 -18.90 -17.86
CA GLU A 26 -10.76 -20.12 -17.09
C GLU A 26 -12.13 -19.95 -16.46
N TYR A 27 -13.02 -19.24 -17.16
CA TYR A 27 -14.45 -19.14 -16.75
C TYR A 27 -15.20 -18.65 -17.98
N ALA A 28 -16.48 -19.01 -18.11
CA ALA A 28 -17.32 -18.53 -19.24
C ALA A 28 -17.54 -17.03 -19.11
N PHE A 29 -16.78 -16.23 -19.85
CA PHE A 29 -16.85 -14.75 -19.79
C PHE A 29 -18.28 -14.23 -19.95
N THR A 30 -19.07 -14.84 -20.82
CA THR A 30 -20.43 -14.31 -21.14
C THR A 30 -21.51 -14.91 -20.23
N ASN A 31 -21.10 -15.62 -19.19
CA ASN A 31 -22.07 -16.18 -18.21
C ASN A 31 -21.98 -15.31 -16.96
N TYR A 32 -21.18 -14.25 -17.03
CA TYR A 32 -20.97 -13.35 -15.88
C TYR A 32 -20.78 -11.92 -16.37
N VAL A 33 -20.75 -10.94 -15.46
CA VAL A 33 -20.48 -9.51 -15.79
C VAL A 33 -19.09 -9.15 -15.28
N ILE A 34 -18.61 -7.98 -15.67
CA ILE A 34 -17.39 -7.33 -15.11
C ILE A 34 -17.80 -5.98 -14.52
N GLU A 35 -17.42 -5.78 -13.26
CA GLU A 35 -17.69 -4.56 -12.49
C GLU A 35 -16.34 -3.89 -12.28
N TRP A 36 -16.34 -2.58 -12.20
CA TRP A 36 -15.10 -1.83 -11.91
C TRP A 36 -15.23 -1.00 -10.64
N VAL A 37 -14.15 -0.94 -9.86
CA VAL A 37 -14.07 -0.28 -8.53
C VAL A 37 -12.87 0.68 -8.50
N LYS A 38 -13.11 1.85 -7.95
CA LYS A 38 -12.05 2.87 -7.73
C LYS A 38 -11.58 2.81 -6.28
N GLN A 39 -10.27 2.82 -6.07
CA GLN A 39 -9.67 3.02 -4.73
C GLN A 39 -8.58 4.09 -4.80
N ARG A 40 -8.80 5.22 -4.11
CA ARG A 40 -7.81 6.30 -3.91
C ARG A 40 -6.91 5.89 -2.75
N PRO A 41 -5.61 6.31 -2.74
CA PRO A 41 -4.67 5.79 -1.74
C PRO A 41 -5.12 6.02 -0.29
N GLY A 42 -5.25 4.95 0.49
CA GLY A 42 -5.72 5.01 1.90
C GLY A 42 -7.19 5.39 2.07
N GLN A 43 -7.99 5.33 0.99
CA GLN A 43 -9.46 5.60 0.97
C GLN A 43 -10.24 4.30 0.71
N GLY A 44 -11.58 4.31 0.85
CA GLY A 44 -12.39 3.09 0.75
C GLY A 44 -12.66 2.72 -0.70
N LEU A 45 -13.55 1.75 -0.93
CA LEU A 45 -13.89 1.31 -2.31
C LEU A 45 -15.04 2.17 -2.81
N GLU A 46 -15.02 2.48 -4.10
CA GLU A 46 -16.04 3.29 -4.78
C GLU A 46 -16.42 2.52 -6.04
N TRP A 47 -17.70 2.18 -6.17
CA TRP A 47 -18.22 1.41 -7.32
C TRP A 47 -18.34 2.35 -8.52
N ILE A 48 -17.86 1.90 -9.68
CA ILE A 48 -17.79 2.72 -10.91
C ILE A 48 -18.95 2.32 -11.80
N GLY A 49 -19.09 1.01 -12.05
CA GLY A 49 -20.16 0.44 -12.87
C GLY A 49 -19.91 -1.00 -13.26
N VAL A 50 -20.73 -1.49 -14.17
CA VAL A 50 -20.76 -2.91 -14.60
C VAL A 50 -20.98 -2.93 -16.11
N ILE A 51 -20.23 -3.80 -16.79
CA ILE A 51 -20.45 -4.16 -18.22
C ILE A 51 -20.95 -5.60 -18.21
N ASN A 52 -21.99 -5.86 -19.00
CA ASN A 52 -22.45 -7.24 -19.29
C ASN A 52 -21.86 -7.64 -20.64
N PRO A 53 -20.77 -8.44 -20.67
CA PRO A 53 -20.17 -8.87 -21.94
C PRO A 53 -21.19 -9.44 -22.93
N GLY A 54 -22.14 -10.22 -22.41
CA GLY A 54 -23.14 -10.96 -23.20
C GLY A 54 -24.13 -10.06 -23.92
N SER A 55 -24.55 -8.96 -23.28
CA SER A 55 -25.58 -8.00 -23.80
C SER A 55 -24.92 -6.72 -24.34
N GLY A 56 -23.73 -6.36 -23.85
CA GLY A 56 -23.14 -5.02 -24.04
C GLY A 56 -23.73 -3.96 -23.11
N GLY A 57 -24.76 -4.32 -22.32
CA GLY A 57 -25.48 -3.39 -21.43
C GLY A 57 -24.57 -2.86 -20.32
N THR A 58 -24.66 -1.55 -20.04
CA THR A 58 -23.81 -0.91 -19.02
C THR A 58 -24.64 -0.26 -17.91
N ASN A 59 -24.11 -0.23 -16.70
CA ASN A 59 -24.79 0.50 -15.59
C ASN A 59 -23.70 1.28 -14.89
N TYR A 60 -23.93 2.55 -14.57
CA TYR A 60 -22.85 3.39 -14.01
C TYR A 60 -23.24 4.14 -12.76
N ASN A 61 -22.28 4.36 -11.87
CA ASN A 61 -22.50 5.23 -10.70
C ASN A 61 -22.64 6.62 -11.32
N GLU A 62 -23.65 7.37 -10.91
CA GLU A 62 -23.93 8.71 -11.48
C GLU A 62 -22.63 9.54 -11.49
N LYS A 63 -21.87 9.52 -10.39
CA LYS A 63 -20.62 10.32 -10.29
C LYS A 63 -19.68 10.08 -11.48
N PHE A 64 -19.78 8.97 -12.22
CA PHE A 64 -18.76 8.60 -13.24
C PHE A 64 -19.29 8.74 -14.66
N LYS A 65 -20.57 9.11 -14.83
CA LYS A 65 -21.14 9.40 -16.17
C LYS A 65 -20.38 10.55 -16.81
N GLY A 66 -19.80 10.35 -17.99
CA GLY A 66 -18.89 11.31 -18.64
C GLY A 66 -17.45 11.15 -18.19
N LYS A 67 -17.18 10.38 -17.13
CA LYS A 67 -15.82 10.11 -16.63
C LYS A 67 -15.38 8.73 -17.18
N ALA A 68 -16.04 7.65 -16.77
CA ALA A 68 -15.69 6.25 -17.11
C ALA A 68 -16.53 5.76 -18.30
N THR A 69 -15.90 5.08 -19.26
CA THR A 69 -16.58 4.31 -20.33
C THR A 69 -16.13 2.84 -20.22
N LEU A 70 -17.11 1.93 -20.14
CA LEU A 70 -16.88 0.47 -20.03
C LEU A 70 -17.22 -0.17 -21.37
N ILE A 71 -16.30 -0.99 -21.89
CA ILE A 71 -16.52 -1.78 -23.13
C ILE A 71 -16.02 -3.21 -22.89
N ALA A 72 -16.55 -4.14 -23.66
CA ALA A 72 -16.23 -5.58 -23.57
C ALA A 72 -15.99 -6.10 -24.98
N ASP A 73 -15.00 -6.97 -25.12
CA ASP A 73 -14.71 -7.74 -26.37
C ASP A 73 -14.82 -9.24 -26.06
N LYS A 74 -15.92 -9.86 -26.51
CA LYS A 74 -16.21 -11.31 -26.33
C LYS A 74 -15.10 -12.17 -26.94
N SER A 75 -14.67 -11.85 -28.18
CA SER A 75 -13.72 -12.66 -28.97
C SER A 75 -12.42 -12.83 -28.20
N SER A 76 -11.98 -11.77 -27.51
CA SER A 76 -10.71 -11.74 -26.72
C SER A 76 -10.95 -11.96 -25.22
N SER A 77 -12.18 -12.19 -24.77
CA SER A 77 -12.60 -12.31 -23.34
C SER A 77 -12.03 -11.13 -22.53
N THR A 78 -12.14 -9.91 -23.04
CA THR A 78 -11.53 -8.70 -22.42
C THR A 78 -12.57 -7.56 -22.23
N ALA A 79 -12.53 -6.99 -21.03
CA ALA A 79 -13.24 -5.76 -20.60
C ALA A 79 -12.26 -4.59 -20.49
N TYR A 80 -12.68 -3.41 -20.91
CA TYR A 80 -11.85 -2.17 -20.89
C TYR A 80 -12.61 -1.08 -20.14
N MET A 81 -11.85 -0.25 -19.41
CA MET A 81 -12.43 0.93 -18.73
C MET A 81 -11.59 2.14 -19.18
N GLN A 82 -12.20 3.04 -19.93
CA GLN A 82 -11.48 4.26 -20.32
C GLN A 82 -11.85 5.38 -19.36
N LEU A 83 -10.87 6.19 -18.95
CA LEU A 83 -11.13 7.38 -18.11
C LEU A 83 -10.77 8.62 -18.92
N SER A 84 -11.66 9.59 -19.04
CA SER A 84 -11.52 10.84 -19.84
C SER A 84 -11.11 11.99 -18.92
N SER A 85 -10.68 13.11 -19.51
CA SER A 85 -10.53 14.45 -18.84
C SER A 85 -9.83 14.29 -17.50
N LEU A 86 -8.72 13.53 -17.50
CA LEU A 86 -8.03 13.06 -16.27
C LEU A 86 -7.58 14.27 -15.45
N THR A 87 -7.72 14.17 -14.14
CA THR A 87 -7.20 15.11 -13.12
C THR A 87 -6.54 14.29 -12.02
N SER A 88 -6.00 14.96 -11.01
CA SER A 88 -5.33 14.29 -9.87
C SER A 88 -6.39 13.49 -9.08
N ASP A 89 -7.64 13.92 -9.17
CA ASP A 89 -8.80 13.24 -8.53
C ASP A 89 -8.90 11.80 -9.03
N ASP A 90 -8.52 11.55 -10.29
CA ASP A 90 -8.65 10.25 -10.99
C ASP A 90 -7.46 9.34 -10.64
N SER A 91 -6.50 9.81 -9.82
CA SER A 91 -5.30 9.05 -9.33
C SER A 91 -5.70 8.02 -8.27
N ALA A 92 -5.53 6.73 -8.55
CA ALA A 92 -6.20 5.64 -7.80
C ALA A 92 -5.75 4.28 -8.31
N VAL A 93 -5.99 3.21 -7.56
CA VAL A 93 -5.96 1.82 -8.13
C VAL A 93 -7.36 1.51 -8.69
N TYR A 94 -7.44 1.01 -9.92
CA TYR A 94 -8.71 0.57 -10.53
C TYR A 94 -8.74 -0.96 -10.57
N PHE A 95 -9.76 -1.53 -9.94
CA PHE A 95 -10.01 -3.00 -9.90
C PHE A 95 -11.09 -3.33 -10.89
N CYS A 96 -10.91 -4.45 -11.57
CA CYS A 96 -11.99 -5.14 -12.29
C CYS A 96 -12.40 -6.32 -11.42
N ALA A 97 -13.66 -6.73 -11.50
CA ALA A 97 -14.21 -7.79 -10.64
C ALA A 97 -15.34 -8.50 -11.37
N ARG A 98 -15.41 -9.80 -11.14
CA ARG A 98 -16.45 -10.70 -11.69
C ARG A 98 -17.60 -10.72 -10.69
N SER A 99 -18.82 -10.64 -11.21
CA SER A 99 -20.08 -10.77 -10.47
C SER A 99 -21.04 -11.50 -11.41
N THR A 100 -22.16 -11.96 -10.88
CA THR A 100 -23.21 -12.67 -11.66
C THR A 100 -24.21 -11.61 -12.15
N TYR A 101 -25.08 -11.95 -13.11
CA TYR A 101 -26.14 -11.06 -13.66
C TYR A 101 -27.14 -10.66 -12.56
N TYR A 102 -27.35 -11.52 -11.55
CA TYR A 102 -28.53 -11.46 -10.63
C TYR A 102 -28.13 -11.37 -9.15
N SER A 103 -26.84 -11.27 -8.81
CA SER A 103 -26.34 -11.23 -7.42
C SER A 103 -25.39 -10.06 -7.20
N GLY A 104 -25.15 -9.70 -5.95
CA GLY A 104 -24.22 -8.62 -5.55
C GLY A 104 -22.75 -9.04 -5.67
N ALA A 105 -22.41 -10.24 -5.23
CA ALA A 105 -21.03 -10.70 -4.94
C ALA A 105 -20.08 -10.38 -6.11
N LEU A 106 -19.06 -9.60 -5.81
CA LEU A 106 -17.83 -9.45 -6.64
C LEU A 106 -16.89 -10.57 -6.19
N ASP A 107 -17.03 -11.76 -6.79
CA ASP A 107 -16.56 -13.02 -6.18
C ASP A 107 -15.07 -13.21 -6.48
N TYR A 108 -14.59 -12.71 -7.62
CA TYR A 108 -13.14 -12.62 -7.94
C TYR A 108 -12.76 -11.24 -8.46
N TRP A 109 -11.56 -10.81 -8.09
CA TRP A 109 -11.07 -9.45 -8.40
C TRP A 109 -9.74 -9.50 -9.12
N GLY A 110 -9.48 -8.52 -10.00
CA GLY A 110 -8.16 -8.42 -10.63
C GLY A 110 -7.14 -7.90 -9.64
N GLN A 111 -5.88 -7.83 -10.04
CA GLN A 111 -4.77 -7.41 -9.14
C GLN A 111 -4.79 -5.89 -8.92
N GLY A 112 -5.42 -5.15 -9.84
CA GLY A 112 -5.47 -3.68 -9.77
C GLY A 112 -4.52 -3.04 -10.77
N THR A 113 -4.89 -1.89 -11.32
CA THR A 113 -4.09 -1.11 -12.28
C THR A 113 -3.93 0.29 -11.70
N SER A 114 -2.74 0.63 -11.26
CA SER A 114 -2.42 1.93 -10.63
C SER A 114 -2.33 3.00 -11.73
N VAL A 115 -3.35 3.84 -11.82
CA VAL A 115 -3.39 5.03 -12.72
C VAL A 115 -2.90 6.23 -11.90
N THR A 116 -1.71 6.75 -12.21
CA THR A 116 -1.19 8.01 -11.63
C THR A 116 -1.32 9.17 -12.63
N VAL A 117 -2.08 10.22 -12.24
CA VAL A 117 -2.30 11.44 -13.07
C VAL A 117 -1.43 12.54 -12.47
N SER A 118 -0.33 12.90 -13.11
CA SER A 118 0.77 13.75 -12.58
C SER A 118 1.42 14.56 -13.71
N SER A 119 1.97 15.72 -13.37
CA SER A 119 2.86 16.48 -14.27
C SER A 119 4.29 16.46 -13.68
N ALA A 120 4.60 15.49 -12.82
CA ALA A 120 5.98 15.17 -12.38
C ALA A 120 6.88 14.99 -13.60
N LYS A 121 8.06 15.57 -13.60
CA LYS A 121 8.99 15.50 -14.76
C LYS A 121 10.16 14.54 -14.43
N THR A 122 10.75 13.91 -15.43
CA THR A 122 11.84 12.94 -15.21
C THR A 122 13.05 13.64 -14.58
N THR A 123 13.67 12.99 -13.57
CA THR A 123 14.77 13.55 -12.74
C THR A 123 15.70 12.44 -12.26
N ALA A 124 16.97 12.53 -12.66
CA ALA A 124 18.10 11.69 -12.21
C ALA A 124 18.30 11.85 -10.70
N PRO A 125 18.57 10.78 -9.91
CA PRO A 125 18.87 10.94 -8.50
C PRO A 125 20.19 11.66 -8.23
N SER A 126 20.26 12.35 -7.11
CA SER A 126 21.53 12.68 -6.42
C SER A 126 21.87 11.50 -5.53
N VAL A 127 23.05 10.92 -5.69
CA VAL A 127 23.46 9.78 -4.86
C VAL A 127 24.48 10.24 -3.85
N TYR A 128 24.29 9.89 -2.57
CA TYR A 128 25.22 10.20 -1.47
C TYR A 128 25.63 8.92 -0.76
N PRO A 129 26.94 8.79 -0.49
CA PRO A 129 27.47 7.73 0.37
C PRO A 129 27.14 8.02 1.84
N LEU A 130 26.70 7.00 2.56
CA LEU A 130 26.41 7.08 4.03
C LEU A 130 27.47 6.25 4.76
N ALA A 131 28.36 6.93 5.47
CA ALA A 131 29.26 6.31 6.45
C ALA A 131 28.68 6.60 7.81
N PRO A 132 28.91 5.72 8.79
CA PRO A 132 28.47 6.01 10.15
C PRO A 132 29.29 7.15 10.80
N VAL A 133 28.68 7.80 11.79
CA VAL A 133 29.46 8.77 12.62
C VAL A 133 30.42 7.89 13.39
N CYS A 134 31.56 8.44 13.78
CA CYS A 134 32.59 7.67 14.51
C CYS A 134 31.98 6.70 15.53
N GLY A 135 30.97 7.12 16.27
CA GLY A 135 30.33 6.25 17.28
C GLY A 135 29.86 4.92 16.74
N ASP A 136 29.36 4.89 15.51
CA ASP A 136 28.77 3.64 14.98
C ASP A 136 29.87 2.82 14.26
N THR A 137 31.16 3.12 14.50
CA THR A 137 32.29 2.41 13.82
C THR A 137 33.00 1.43 14.77
N THR A 138 32.58 1.38 16.05
CA THR A 138 33.23 0.61 17.15
C THR A 138 32.67 -0.83 17.27
N GLY A 139 31.79 -1.27 16.37
CA GLY A 139 31.11 -2.59 16.43
C GLY A 139 31.94 -3.72 15.84
N SER A 140 31.46 -4.96 15.98
CA SER A 140 32.04 -6.18 15.32
C SER A 140 31.70 -6.20 13.82
N SER A 141 30.50 -5.74 13.46
CA SER A 141 30.09 -5.46 12.07
C SER A 141 29.93 -3.95 11.91
N VAL A 142 29.95 -3.47 10.68
CA VAL A 142 29.74 -2.02 10.39
C VAL A 142 28.69 -1.96 9.28
N THR A 143 27.82 -0.95 9.32
CA THR A 143 26.73 -0.79 8.31
C THR A 143 26.96 0.51 7.56
N LEU A 144 27.00 0.41 6.24
CA LEU A 144 27.21 1.58 5.36
C LEU A 144 25.97 1.70 4.49
N GLY A 145 25.83 2.83 3.83
CA GLY A 145 24.61 3.03 3.04
C GLY A 145 24.76 4.00 1.90
N CYS A 146 23.72 4.11 1.09
CA CYS A 146 23.68 5.09 -0.01
C CYS A 146 22.31 5.76 0.01
N LEU A 147 22.27 7.08 -0.14
CA LEU A 147 20.99 7.81 -0.22
C LEU A 147 20.74 8.14 -1.69
N VAL A 148 19.65 7.64 -2.26
CA VAL A 148 19.24 7.94 -3.65
C VAL A 148 18.16 9.01 -3.50
N LYS A 149 18.45 10.25 -3.85
CA LYS A 149 17.63 11.44 -3.50
C LYS A 149 17.02 12.09 -4.75
N GLY A 150 15.75 12.45 -4.65
CA GLY A 150 14.99 13.23 -5.64
C GLY A 150 15.07 12.66 -7.06
N TYR A 151 14.58 11.43 -7.29
CA TYR A 151 14.48 10.86 -8.66
C TYR A 151 13.01 10.72 -9.03
N PHE A 152 12.74 10.63 -10.34
CA PHE A 152 11.39 10.34 -10.87
C PHE A 152 11.48 9.81 -12.29
N PRO A 153 10.72 8.77 -12.67
CA PRO A 153 9.92 7.97 -11.76
C PRO A 153 10.69 6.74 -11.25
N GLU A 154 9.96 5.85 -10.59
CA GLU A 154 10.43 4.48 -10.31
C GLU A 154 10.65 3.79 -11.64
N PRO A 155 11.52 2.77 -11.71
CA PRO A 155 12.37 2.35 -10.60
C PRO A 155 13.80 2.89 -10.68
N VAL A 156 14.62 2.59 -9.67
CA VAL A 156 16.11 2.51 -9.79
C VAL A 156 16.53 1.09 -9.41
N THR A 157 17.70 0.61 -9.84
CA THR A 157 18.31 -0.64 -9.35
C THR A 157 19.53 -0.26 -8.54
N LEU A 158 19.75 -0.92 -7.40
CA LEU A 158 20.96 -0.71 -6.57
C LEU A 158 21.67 -2.03 -6.32
N THR A 159 22.98 -2.03 -6.52
CA THR A 159 23.91 -3.13 -6.18
C THR A 159 25.02 -2.57 -5.29
N TRP A 160 25.76 -3.47 -4.64
CA TRP A 160 26.96 -3.13 -3.84
C TRP A 160 28.16 -3.84 -4.46
N ASN A 161 29.24 -3.11 -4.76
CA ASN A 161 30.41 -3.70 -5.45
C ASN A 161 29.94 -4.60 -6.59
N SER A 162 29.06 -4.04 -7.43
CA SER A 162 28.56 -4.66 -8.70
C SER A 162 27.93 -6.02 -8.43
N GLY A 163 27.32 -6.21 -7.24
CA GLY A 163 26.54 -7.41 -6.88
C GLY A 163 27.42 -8.45 -6.27
N SER A 164 28.67 -8.10 -6.02
CA SER A 164 29.65 -8.95 -5.31
C SER A 164 29.29 -9.01 -3.81
N LEU A 165 28.79 -7.90 -3.23
CA LEU A 165 28.13 -7.86 -1.89
C LEU A 165 26.62 -8.02 -2.06
N SER A 166 26.04 -9.11 -1.53
CA SER A 166 24.68 -9.57 -1.87
C SER A 166 23.83 -9.81 -0.60
N SER A 167 24.25 -10.67 0.31
CA SER A 167 23.55 -10.83 1.62
C SER A 167 24.07 -9.71 2.53
N GLY A 168 23.30 -9.37 3.57
CA GLY A 168 23.58 -8.22 4.45
C GLY A 168 23.20 -6.91 3.77
N VAL A 169 22.63 -7.00 2.56
CA VAL A 169 22.09 -5.81 1.86
C VAL A 169 20.61 -5.76 2.16
N HIS A 170 20.14 -4.58 2.53
CA HIS A 170 18.72 -4.22 2.66
C HIS A 170 18.50 -2.94 1.85
N THR A 171 17.62 -3.01 0.87
CA THR A 171 17.20 -1.87 0.03
C THR A 171 15.74 -1.60 0.35
N PHE A 172 15.44 -0.35 0.71
CA PHE A 172 14.17 0.12 1.31
C PHE A 172 13.36 0.81 0.24
N PRO A 173 12.10 0.38 0.01
CA PRO A 173 11.24 1.09 -0.94
C PRO A 173 11.21 2.60 -0.69
N ALA A 174 11.10 3.33 -1.79
CA ALA A 174 11.15 4.80 -1.89
C ALA A 174 9.97 5.41 -1.13
N VAL A 175 10.21 6.53 -0.46
CA VAL A 175 9.21 7.55 -0.03
C VAL A 175 9.02 8.52 -1.19
N LEU A 176 7.85 9.15 -1.27
CA LEU A 176 7.49 10.16 -2.29
C LEU A 176 7.12 11.45 -1.57
N GLN A 177 7.81 12.53 -1.88
CA GLN A 177 7.51 13.91 -1.38
C GLN A 177 7.63 14.87 -2.55
N SER A 178 6.55 15.60 -2.85
CA SER A 178 6.51 16.67 -3.88
C SER A 178 6.99 16.11 -5.23
N ASP A 179 6.41 14.98 -5.63
CA ASP A 179 6.70 14.30 -6.92
C ASP A 179 8.19 14.03 -7.06
N LEU A 180 8.92 13.81 -5.97
CA LEU A 180 10.26 13.19 -6.06
C LEU A 180 10.35 12.00 -5.11
N TYR A 181 10.94 10.91 -5.58
CA TYR A 181 11.21 9.71 -4.77
C TYR A 181 12.57 9.85 -4.11
N THR A 182 12.70 9.29 -2.90
CA THR A 182 13.98 9.12 -2.17
C THR A 182 14.03 7.69 -1.65
N LEU A 183 15.18 7.03 -1.76
CA LEU A 183 15.35 5.74 -1.04
C LEU A 183 16.78 5.58 -0.58
N SER A 184 16.98 4.58 0.26
CA SER A 184 18.31 4.23 0.81
C SER A 184 18.44 2.72 0.79
N SER A 185 19.69 2.26 0.70
CA SER A 185 20.09 0.84 0.86
C SER A 185 21.22 0.80 1.86
N SER A 186 21.27 -0.22 2.67
CA SER A 186 22.37 -0.45 3.63
C SER A 186 23.06 -1.76 3.26
N VAL A 187 24.33 -1.82 3.63
CA VAL A 187 25.13 -3.07 3.57
C VAL A 187 25.90 -3.22 4.89
N THR A 188 25.79 -4.39 5.52
CA THR A 188 26.45 -4.76 6.80
C THR A 188 27.62 -5.68 6.46
N VAL A 189 28.84 -5.30 6.81
CA VAL A 189 30.04 -6.18 6.63
C VAL A 189 30.72 -6.31 7.99
N THR A 190 31.63 -7.28 8.12
CA THR A 190 32.49 -7.39 9.32
C THR A 190 33.33 -6.12 9.36
N SER A 191 33.54 -5.55 10.56
CA SER A 191 34.33 -4.30 10.74
C SER A 191 35.73 -4.43 10.10
N SER A 192 36.26 -5.66 10.02
CA SER A 192 37.56 -5.98 9.38
C SER A 192 37.52 -5.67 7.88
N THR A 193 36.34 -5.73 7.24
CA THR A 193 36.16 -5.55 5.78
C THR A 193 36.30 -4.08 5.40
N TRP A 194 35.84 -3.12 6.24
CA TRP A 194 35.79 -1.68 5.88
C TRP A 194 36.35 -0.82 7.01
N PRO A 195 37.14 0.23 6.71
CA PRO A 195 37.45 0.67 5.34
C PRO A 195 38.62 0.02 4.59
N SER A 196 39.24 -1.03 5.13
CA SER A 196 40.41 -1.64 4.47
C SER A 196 40.07 -2.03 3.03
N GLN A 197 38.88 -2.60 2.82
CA GLN A 197 38.45 -3.01 1.46
C GLN A 197 37.40 -2.02 0.95
N SER A 198 37.40 -1.75 -0.35
CA SER A 198 36.49 -0.74 -0.93
C SER A 198 35.03 -1.19 -1.02
N ILE A 199 34.12 -0.37 -0.53
CA ILE A 199 32.66 -0.60 -0.74
C ILE A 199 32.06 0.59 -1.49
N THR A 200 31.39 0.27 -2.59
CA THR A 200 30.78 1.26 -3.47
C THR A 200 29.36 0.79 -3.81
N CYS A 201 28.38 1.67 -3.72
CA CYS A 201 27.02 1.31 -4.18
C CYS A 201 26.88 1.69 -5.64
N ASN A 202 26.11 0.92 -6.39
CA ASN A 202 25.93 1.13 -7.84
C ASN A 202 24.46 1.43 -8.11
N VAL A 203 24.12 2.64 -8.53
CA VAL A 203 22.71 3.07 -8.73
C VAL A 203 22.48 3.41 -10.20
N ALA A 204 21.61 2.65 -10.86
CA ALA A 204 21.11 2.90 -12.24
C ALA A 204 19.68 3.44 -12.19
N HIS A 205 19.42 4.48 -12.97
CA HIS A 205 18.07 5.05 -13.17
C HIS A 205 17.74 4.93 -14.66
N PRO A 206 17.08 3.84 -15.07
CA PRO A 206 16.75 3.62 -16.49
C PRO A 206 16.05 4.81 -17.17
N ALA A 207 15.12 5.46 -16.48
CA ALA A 207 14.30 6.56 -17.05
C ALA A 207 15.22 7.67 -17.58
N SER A 208 16.28 8.04 -16.84
CA SER A 208 17.21 9.16 -17.18
C SER A 208 18.50 8.62 -17.83
N SER A 209 18.60 7.31 -18.09
CA SER A 209 19.78 6.65 -18.70
C SER A 209 21.05 6.99 -17.93
N THR A 210 20.98 7.03 -16.59
CA THR A 210 22.09 7.40 -15.70
C THR A 210 22.47 6.22 -14.79
N LYS A 211 23.74 6.14 -14.50
CA LYS A 211 24.30 5.20 -13.51
C LYS A 211 25.35 5.99 -12.73
N VAL A 212 25.30 5.85 -11.40
CA VAL A 212 26.23 6.48 -10.43
C VAL A 212 26.72 5.36 -9.51
N ASP A 213 28.04 5.23 -9.44
CA ASP A 213 28.74 4.44 -8.40
C ASP A 213 29.34 5.41 -7.38
N LYS A 214 28.96 5.27 -6.10
CA LYS A 214 29.56 6.04 -4.98
C LYS A 214 30.36 5.14 -4.04
N LYS A 215 31.64 5.45 -3.91
CA LYS A 215 32.55 4.82 -2.95
C LYS A 215 32.23 5.31 -1.55
N ILE A 216 32.15 4.41 -0.59
CA ILE A 216 31.89 4.83 0.81
C ILE A 216 33.26 5.06 1.45
N GLU A 217 33.56 6.32 1.79
CA GLU A 217 34.82 6.77 2.48
C GLU A 217 34.55 6.96 3.97
N PRO A 218 35.50 6.59 4.87
CA PRO A 218 35.43 7.02 6.28
C PRO A 218 35.25 8.54 6.44
N ARG A 219 34.45 8.99 7.42
CA ARG A 219 34.32 10.43 7.80
C ARG A 219 35.22 10.68 9.01
N GLN B 1 -30.15 6.94 -0.41
CA GLN B 1 -31.14 6.11 0.31
C GLN B 1 -30.46 4.79 0.70
N LEU B 2 -29.85 4.11 -0.27
CA LEU B 2 -29.15 2.82 -0.03
C LEU B 2 -27.86 3.15 0.69
N VAL B 3 -27.79 2.85 1.99
CA VAL B 3 -26.61 3.23 2.82
C VAL B 3 -26.21 2.02 3.68
N LEU B 4 -24.92 1.75 3.77
CA LEU B 4 -24.34 0.75 4.68
C LEU B 4 -23.51 1.48 5.73
N THR B 5 -23.78 1.25 7.02
CA THR B 5 -23.09 1.93 8.14
C THR B 5 -22.24 0.90 8.89
N GLN B 6 -20.93 0.98 8.75
CA GLN B 6 -20.05 -0.04 9.38
C GLN B 6 -19.68 0.36 10.80
N SER B 7 -19.57 -0.62 11.69
CA SER B 7 -19.23 -0.35 13.11
C SER B 7 -17.78 0.10 13.29
N SER B 8 -17.42 0.56 14.48
CA SER B 8 -16.08 1.15 14.73
C SER B 8 -14.90 0.22 14.49
N SER B 9 -13.86 0.71 13.80
CA SER B 9 -12.60 -0.05 13.58
C SER B 9 -12.15 -0.62 14.92
N ALA B 10 -12.03 -1.95 15.01
CA ALA B 10 -11.75 -2.51 16.34
C ALA B 10 -10.47 -3.33 16.47
N SER B 11 -10.17 -3.76 17.69
CA SER B 11 -8.93 -4.46 18.07
C SER B 11 -9.27 -5.71 18.89
N PHE B 12 -8.92 -6.88 18.37
CA PHE B 12 -9.25 -8.21 18.94
C PHE B 12 -7.98 -8.99 19.23
N SER B 13 -7.94 -9.71 20.35
CA SER B 13 -6.80 -10.57 20.72
C SER B 13 -6.71 -11.75 19.76
N LEU B 14 -5.50 -12.15 19.41
CA LEU B 14 -5.20 -13.44 18.74
C LEU B 14 -6.02 -14.54 19.42
N GLY B 15 -6.78 -15.31 18.65
CA GLY B 15 -7.58 -16.46 19.10
C GLY B 15 -8.89 -16.09 19.78
N ALA B 16 -9.25 -14.81 19.83
CA ALA B 16 -10.53 -14.33 20.42
C ALA B 16 -11.62 -14.36 19.34
N SER B 17 -12.86 -14.06 19.73
CA SER B 17 -14.04 -14.02 18.84
C SER B 17 -14.34 -12.56 18.48
N ALA B 18 -14.44 -12.25 17.20
CA ALA B 18 -14.78 -10.89 16.69
C ALA B 18 -16.17 -10.90 16.03
N LYS B 19 -16.95 -9.86 16.23
CA LYS B 19 -18.24 -9.66 15.51
C LYS B 19 -18.22 -8.26 14.91
N LEU B 20 -18.17 -8.12 13.58
CA LEU B 20 -18.29 -6.79 12.91
C LEU B 20 -19.77 -6.56 12.57
N THR B 21 -20.19 -5.30 12.54
CA THR B 21 -21.58 -4.93 12.16
C THR B 21 -21.58 -4.04 10.93
N CYS B 22 -22.40 -4.44 9.96
CA CYS B 22 -22.82 -3.63 8.81
C CYS B 22 -24.34 -3.42 8.91
N THR B 23 -24.80 -2.18 9.09
CA THR B 23 -26.24 -1.85 9.23
C THR B 23 -26.73 -1.20 7.94
N LEU B 24 -27.82 -1.76 7.41
CA LEU B 24 -28.54 -1.29 6.19
C LEU B 24 -29.39 -0.07 6.55
N SER B 25 -29.48 0.90 5.65
CA SER B 25 -30.60 1.86 5.59
C SER B 25 -31.91 1.14 5.93
N SER B 26 -32.73 1.72 6.79
CA SER B 26 -33.90 1.09 7.47
C SER B 26 -34.90 0.49 6.46
N GLN B 27 -35.21 1.20 5.37
CA GLN B 27 -36.14 0.69 4.33
C GLN B 27 -35.55 -0.53 3.59
N HIS B 28 -34.24 -0.71 3.65
CA HIS B 28 -33.56 -1.82 2.93
C HIS B 28 -33.18 -2.92 3.95
N SER B 29 -34.00 -3.11 4.97
CA SER B 29 -33.72 -4.08 6.05
C SER B 29 -33.78 -5.54 5.57
N THR B 30 -34.32 -5.82 4.38
CA THR B 30 -34.51 -7.23 3.98
C THR B 30 -33.36 -7.66 3.08
N TYR B 31 -32.43 -6.74 2.79
CA TYR B 31 -31.51 -6.89 1.64
C TYR B 31 -30.39 -7.87 1.98
N THR B 32 -29.86 -8.54 0.97
CA THR B 32 -28.65 -9.39 1.06
C THR B 32 -27.42 -8.49 0.84
N ILE B 33 -26.39 -8.63 1.66
CA ILE B 33 -25.13 -7.86 1.51
C ILE B 33 -23.98 -8.86 1.26
N GLU B 34 -22.84 -8.36 0.82
CA GLU B 34 -21.58 -9.13 0.70
C GLU B 34 -20.56 -8.52 1.66
N TRP B 35 -19.82 -9.37 2.36
CA TRP B 35 -18.57 -9.00 3.08
C TRP B 35 -17.37 -9.16 2.16
N TYR B 36 -16.40 -8.28 2.32
CA TYR B 36 -15.13 -8.34 1.57
C TYR B 36 -14.01 -8.13 2.58
N GLN B 37 -12.81 -8.60 2.27
CA GLN B 37 -11.64 -8.47 3.17
C GLN B 37 -10.50 -7.87 2.34
N GLN B 38 -9.96 -6.75 2.79
CA GLN B 38 -8.80 -6.15 2.09
C GLN B 38 -7.59 -6.12 3.01
N GLN B 39 -6.63 -7.01 2.76
CA GLN B 39 -5.32 -7.05 3.47
C GLN B 39 -4.40 -6.05 2.78
N PRO B 40 -3.33 -5.56 3.48
CA PRO B 40 -2.38 -4.61 2.88
C PRO B 40 -1.86 -4.92 1.46
N LEU B 41 -1.83 -3.90 0.58
CA LEU B 41 -1.26 -3.97 -0.80
C LEU B 41 -2.05 -4.95 -1.70
N LYS B 42 -3.02 -5.70 -1.15
CA LYS B 42 -3.72 -6.81 -1.87
C LYS B 42 -5.07 -6.34 -2.38
N PRO B 43 -5.59 -6.86 -3.51
CA PRO B 43 -6.97 -6.57 -3.91
C PRO B 43 -7.97 -7.08 -2.87
N PRO B 44 -9.17 -6.46 -2.73
CA PRO B 44 -10.18 -7.02 -1.85
C PRO B 44 -10.42 -8.46 -2.30
N LYS B 45 -10.85 -9.28 -1.35
CA LYS B 45 -11.26 -10.68 -1.57
C LYS B 45 -12.72 -10.84 -1.12
N TYR B 46 -13.55 -11.53 -1.91
CA TYR B 46 -14.92 -11.94 -1.51
C TYR B 46 -14.89 -12.87 -0.29
N VAL B 47 -15.56 -12.46 0.79
CA VAL B 47 -15.66 -13.28 2.03
C VAL B 47 -16.98 -14.06 2.05
N MET B 48 -18.13 -13.39 2.01
CA MET B 48 -19.41 -14.15 1.93
C MET B 48 -20.56 -13.28 1.41
N GLU B 49 -21.66 -13.96 1.11
CA GLU B 49 -23.00 -13.39 0.81
C GLU B 49 -23.85 -13.59 2.07
N LEU B 50 -24.56 -12.59 2.58
CA LEU B 50 -25.27 -12.77 3.87
C LEU B 50 -26.71 -12.26 3.73
N LYS B 51 -27.70 -13.12 3.97
CA LYS B 51 -29.13 -12.84 3.70
C LYS B 51 -29.84 -12.42 4.99
N LYS B 52 -31.08 -11.92 4.85
CA LYS B 52 -31.85 -11.35 5.99
C LYS B 52 -32.03 -12.39 7.10
N ASP B 53 -32.02 -13.68 6.79
CA ASP B 53 -32.40 -14.77 7.72
C ASP B 53 -31.15 -15.33 8.41
N GLY B 54 -29.96 -14.81 8.09
CA GLY B 54 -28.66 -15.24 8.65
C GLY B 54 -27.93 -16.27 7.78
N SER B 55 -28.60 -16.80 6.76
CA SER B 55 -28.04 -17.78 5.79
C SER B 55 -26.93 -17.09 4.99
N HIS B 56 -25.78 -17.76 4.85
CA HIS B 56 -24.57 -17.22 4.19
C HIS B 56 -23.94 -18.27 3.28
N SER B 57 -23.14 -17.79 2.31
CA SER B 57 -22.23 -18.60 1.46
C SER B 57 -20.89 -17.88 1.38
N THR B 58 -19.83 -18.51 1.90
CA THR B 58 -18.45 -17.95 1.92
C THR B 58 -17.78 -18.18 0.57
N GLY B 59 -16.79 -17.34 0.25
CA GLY B 59 -16.12 -17.33 -1.05
C GLY B 59 -14.94 -18.28 -1.08
N ASP B 60 -14.29 -18.36 -2.23
CA ASP B 60 -13.05 -19.13 -2.48
C ASP B 60 -12.03 -18.81 -1.38
N GLY B 61 -11.60 -19.83 -0.64
CA GLY B 61 -10.42 -19.77 0.24
C GLY B 61 -10.74 -19.19 1.60
N ILE B 62 -12.00 -19.18 2.01
CA ILE B 62 -12.42 -18.55 3.30
C ILE B 62 -12.58 -19.66 4.32
N PRO B 63 -11.84 -19.62 5.45
CA PRO B 63 -11.94 -20.70 6.43
C PRO B 63 -13.29 -20.71 7.14
N ASP B 64 -13.63 -21.86 7.73
CA ASP B 64 -14.90 -22.12 8.45
C ASP B 64 -14.95 -21.32 9.76
N ARG B 65 -13.93 -20.52 10.09
CA ARG B 65 -13.97 -19.64 11.30
C ARG B 65 -14.71 -18.31 10.97
N PHE B 66 -14.95 -18.00 9.70
CA PHE B 66 -15.84 -16.89 9.25
C PHE B 66 -17.26 -17.43 9.11
N SER B 67 -18.19 -16.90 9.90
CA SER B 67 -19.66 -17.13 9.73
C SER B 67 -20.39 -15.79 9.78
N GLY B 68 -21.72 -15.82 9.64
CA GLY B 68 -22.56 -14.62 9.67
C GLY B 68 -23.94 -14.87 10.28
N SER B 69 -24.57 -13.78 10.69
CA SER B 69 -25.92 -13.73 11.28
C SER B 69 -26.53 -12.35 10.96
N SER B 70 -27.83 -12.20 11.20
CA SER B 70 -28.63 -10.98 10.87
C SER B 70 -29.63 -10.70 12.01
N SER B 71 -29.98 -9.43 12.19
CA SER B 71 -31.02 -8.98 13.14
C SER B 71 -31.56 -7.64 12.64
N GLY B 72 -32.78 -7.66 12.09
CA GLY B 72 -33.33 -6.49 11.39
C GLY B 72 -32.33 -6.03 10.33
N ALA B 73 -31.92 -4.77 10.40
CA ALA B 73 -31.06 -4.12 9.38
C ALA B 73 -29.57 -4.46 9.62
N ASP B 74 -29.25 -5.14 10.71
CA ASP B 74 -27.85 -5.50 11.09
C ASP B 74 -27.44 -6.76 10.35
N ARG B 75 -26.28 -6.70 9.70
CA ARG B 75 -25.62 -7.82 8.99
C ARG B 75 -24.25 -8.01 9.65
N TYR B 76 -24.02 -9.15 10.31
CA TYR B 76 -22.84 -9.38 11.18
C TYR B 76 -21.86 -10.36 10.54
N LEU B 77 -20.55 -10.04 10.62
CA LEU B 77 -19.44 -10.97 10.33
C LEU B 77 -18.82 -11.40 11.67
N SER B 78 -18.91 -12.69 11.97
CA SER B 78 -18.29 -13.38 13.13
C SER B 78 -17.00 -14.06 12.64
N ILE B 79 -15.88 -13.76 13.31
CA ILE B 79 -14.60 -14.54 13.18
C ILE B 79 -14.31 -15.10 14.57
N SER B 80 -14.30 -16.43 14.71
CA SER B 80 -13.83 -17.13 15.94
C SER B 80 -12.32 -17.44 15.79
N ASN B 81 -11.58 -17.46 16.89
CA ASN B 81 -10.15 -17.85 16.88
C ASN B 81 -9.42 -16.98 15.84
N ILE B 82 -9.61 -15.68 15.97
CA ILE B 82 -9.02 -14.71 15.00
C ILE B 82 -7.52 -14.97 14.82
N GLN B 83 -7.08 -14.95 13.57
CA GLN B 83 -5.66 -15.25 13.23
C GLN B 83 -5.01 -13.99 12.65
N PRO B 84 -3.66 -13.90 12.61
CA PRO B 84 -3.00 -12.70 12.12
C PRO B 84 -3.39 -12.43 10.67
N GLU B 85 -3.61 -13.49 9.90
CA GLU B 85 -3.93 -13.35 8.47
C GLU B 85 -5.34 -12.74 8.33
N ASP B 86 -6.12 -12.66 9.42
CA ASP B 86 -7.49 -12.07 9.40
C ASP B 86 -7.38 -10.56 9.54
N GLU B 87 -6.23 -10.06 9.97
CA GLU B 87 -5.97 -8.59 10.08
C GLU B 87 -6.24 -7.95 8.71
N ALA B 88 -7.23 -7.05 8.66
CA ALA B 88 -7.56 -6.39 7.38
C ALA B 88 -8.66 -5.37 7.62
N ILE B 89 -9.05 -4.72 6.55
CA ILE B 89 -10.29 -3.91 6.53
C ILE B 89 -11.36 -4.82 5.92
N TYR B 90 -12.50 -4.84 6.60
CA TYR B 90 -13.71 -5.59 6.24
C TYR B 90 -14.71 -4.57 5.69
N ILE B 91 -15.20 -4.83 4.49
CA ILE B 91 -16.03 -3.89 3.69
C ILE B 91 -17.31 -4.62 3.25
N CYS B 92 -18.49 -4.06 3.57
CA CYS B 92 -19.78 -4.61 3.12
C CYS B 92 -20.24 -3.86 1.87
N GLY B 93 -20.99 -4.57 1.06
CA GLY B 93 -21.48 -4.08 -0.23
C GLY B 93 -22.93 -4.47 -0.40
N VAL B 94 -23.72 -3.68 -1.12
CA VAL B 94 -25.14 -4.02 -1.34
C VAL B 94 -25.55 -3.54 -2.73
N GLY B 95 -26.31 -4.37 -3.46
CA GLY B 95 -26.83 -4.02 -4.78
C GLY B 95 -28.34 -3.83 -4.78
N ASP B 96 -28.82 -3.00 -5.68
CA ASP B 96 -30.27 -2.85 -5.96
C ASP B 96 -30.39 -2.25 -7.38
N THR B 97 -31.57 -2.35 -7.97
CA THR B 97 -31.87 -1.80 -9.32
C THR B 97 -32.80 -0.59 -9.12
N ILE B 98 -32.22 0.59 -8.84
CA ILE B 98 -32.88 1.89 -8.52
C ILE B 98 -32.88 2.83 -9.74
N LYS B 99 -33.96 3.61 -9.92
CA LYS B 99 -34.19 4.48 -11.11
C LYS B 99 -34.03 3.61 -12.37
N GLU B 100 -34.32 2.31 -12.23
CA GLU B 100 -34.21 1.31 -13.34
C GLU B 100 -32.74 1.03 -13.69
N GLN B 101 -31.81 1.55 -12.91
CA GLN B 101 -30.36 1.28 -13.14
C GLN B 101 -29.81 0.43 -11.99
N PHE B 102 -28.95 -0.55 -12.29
CA PHE B 102 -28.30 -1.29 -11.19
C PHE B 102 -27.31 -0.38 -10.47
N VAL B 103 -27.22 -0.51 -9.16
CA VAL B 103 -26.20 0.23 -8.39
C VAL B 103 -25.67 -0.71 -7.32
N TYR B 104 -24.36 -0.63 -7.11
CA TYR B 104 -23.67 -1.26 -5.96
C TYR B 104 -23.10 -0.18 -5.05
N VAL B 105 -23.29 -0.34 -3.74
CA VAL B 105 -22.64 0.57 -2.75
C VAL B 105 -21.81 -0.21 -1.75
N PHE B 106 -20.79 0.48 -1.25
CA PHE B 106 -19.82 -0.04 -0.27
C PHE B 106 -20.04 0.70 1.04
N GLY B 107 -19.98 -0.01 2.15
CA GLY B 107 -19.69 0.59 3.47
C GLY B 107 -18.30 1.24 3.48
N GLY B 108 -18.00 2.04 4.51
CA GLY B 108 -16.71 2.72 4.67
C GLY B 108 -15.61 1.77 5.13
N GLY B 109 -15.97 0.56 5.59
CA GLY B 109 -15.00 -0.45 6.05
C GLY B 109 -14.64 -0.29 7.51
N THR B 110 -14.26 -1.40 8.15
CA THR B 110 -13.89 -1.55 9.58
C THR B 110 -12.46 -2.13 9.61
N LYS B 111 -11.51 -1.40 10.23
CA LYS B 111 -10.11 -1.86 10.36
C LYS B 111 -10.06 -2.82 11.54
N VAL B 112 -9.85 -4.09 11.22
CA VAL B 112 -9.66 -5.18 12.22
C VAL B 112 -8.16 -5.35 12.41
N THR B 113 -7.71 -5.00 13.62
CA THR B 113 -6.35 -5.19 14.16
C THR B 113 -6.35 -6.43 15.05
N VAL B 114 -5.35 -7.29 14.90
CA VAL B 114 -5.18 -8.47 15.81
C VAL B 114 -4.02 -8.17 16.75
N LEU B 115 -4.32 -8.07 18.05
CA LEU B 115 -3.35 -7.81 19.12
C LEU B 115 -2.71 -9.14 19.52
N GLY B 116 -1.54 -9.11 20.16
CA GLY B 116 -0.86 -10.32 20.69
C GLY B 116 -0.27 -11.20 19.60
N GLN B 117 -0.04 -10.71 18.38
CA GLN B 117 0.68 -11.51 17.35
C GLN B 117 2.11 -11.76 17.82
N PRO B 118 2.80 -12.82 17.32
CA PRO B 118 4.21 -13.04 17.59
C PRO B 118 4.99 -11.85 17.01
N LYS B 119 6.04 -11.44 17.70
CA LYS B 119 6.61 -10.08 17.59
C LYS B 119 8.12 -10.20 17.33
N SER B 120 8.62 -9.55 16.29
CA SER B 120 10.07 -9.29 16.15
C SER B 120 10.26 -7.78 16.19
N THR B 121 11.11 -7.35 17.09
CA THR B 121 11.28 -5.93 17.46
C THR B 121 12.16 -5.33 16.40
N PRO B 122 11.86 -4.10 15.94
CA PRO B 122 12.64 -3.45 14.89
C PRO B 122 14.09 -3.14 15.26
N THR B 123 14.96 -3.34 14.27
CA THR B 123 16.37 -2.91 14.18
C THR B 123 16.40 -1.55 13.45
N LEU B 124 17.15 -0.59 13.97
CA LEU B 124 17.25 0.77 13.41
C LEU B 124 18.66 0.97 12.92
N THR B 125 18.85 1.47 11.71
CA THR B 125 20.17 1.95 11.27
C THR B 125 20.02 3.44 10.98
N VAL B 126 20.84 4.30 11.59
CA VAL B 126 20.74 5.77 11.39
C VAL B 126 22.03 6.29 10.79
N PHE B 127 21.88 7.15 9.80
CA PHE B 127 23.01 7.75 9.07
C PHE B 127 22.96 9.26 9.27
N PRO B 128 24.13 9.89 9.45
CA PRO B 128 24.25 11.34 9.38
C PRO B 128 24.18 11.81 7.94
N PRO B 129 24.03 13.12 7.67
CA PRO B 129 24.22 13.64 6.33
C PRO B 129 25.66 13.47 5.86
N SER B 130 25.86 13.27 4.56
CA SER B 130 27.18 13.10 3.91
C SER B 130 27.91 14.46 3.89
N SER B 131 29.23 14.48 4.06
CA SER B 131 30.03 15.71 3.81
C SER B 131 29.58 16.37 2.51
N GLU B 132 29.32 15.56 1.49
CA GLU B 132 28.97 16.03 0.14
C GLU B 132 27.63 16.79 0.17
N GLU B 133 26.61 16.25 0.82
CA GLU B 133 25.29 16.91 0.88
C GLU B 133 25.43 18.16 1.76
N LEU B 134 26.29 18.11 2.79
CA LEU B 134 26.47 19.24 3.74
C LEU B 134 26.99 20.47 2.98
N LYS B 135 27.99 20.24 2.12
CA LYS B 135 28.59 21.22 1.17
C LYS B 135 27.48 21.89 0.36
N GLU B 136 26.34 21.23 0.13
CA GLU B 136 25.21 21.80 -0.65
C GLU B 136 24.25 22.53 0.29
N ASN B 137 24.63 22.70 1.57
CA ASN B 137 23.81 23.40 2.60
C ASN B 137 22.59 22.55 2.98
N LYS B 138 22.73 21.23 2.89
CA LYS B 138 21.59 20.33 3.15
C LYS B 138 21.99 19.19 4.07
N ALA B 139 21.01 18.55 4.72
CA ALA B 139 21.27 17.49 5.70
C ALA B 139 20.03 16.62 5.77
N THR B 140 20.07 15.49 5.06
CA THR B 140 19.10 14.40 5.22
C THR B 140 19.65 13.44 6.29
N LEU B 141 18.82 13.17 7.31
CA LEU B 141 19.10 12.08 8.25
C LEU B 141 18.26 10.89 7.79
N VAL B 142 18.81 9.71 7.98
CA VAL B 142 18.23 8.46 7.39
C VAL B 142 18.01 7.54 8.58
N CYS B 143 16.80 7.04 8.72
CA CYS B 143 16.48 5.97 9.67
C CYS B 143 15.95 4.75 8.94
N LEU B 144 16.68 3.64 9.01
CA LEU B 144 16.28 2.40 8.33
C LEU B 144 15.83 1.42 9.40
N ILE B 145 14.65 0.86 9.16
CA ILE B 145 13.86 0.12 10.16
C ILE B 145 13.60 -1.28 9.59
N SER B 146 14.17 -2.29 10.23
CA SER B 146 14.09 -3.66 9.66
C SER B 146 13.84 -4.72 10.72
N ASN B 147 13.58 -5.96 10.30
CA ASN B 147 13.47 -7.12 11.22
C ASN B 147 12.23 -7.04 12.12
N PHE B 148 11.18 -6.39 11.64
CA PHE B 148 9.98 -6.19 12.49
C PHE B 148 8.75 -6.94 11.99
N SER B 149 7.92 -7.38 12.92
CA SER B 149 6.69 -8.15 12.63
C SER B 149 5.81 -8.09 13.86
N PRO B 150 4.50 -7.76 13.77
CA PRO B 150 3.84 -7.34 12.54
C PRO B 150 4.19 -5.94 11.98
N SER B 151 3.53 -5.54 10.89
CA SER B 151 3.93 -4.36 10.07
C SER B 151 3.68 -2.99 10.73
N GLY B 152 2.79 -2.87 11.74
CA GLY B 152 2.43 -1.57 12.34
C GLY B 152 3.57 -0.95 13.14
N VAL B 153 4.10 0.17 12.64
CA VAL B 153 5.08 1.04 13.35
C VAL B 153 4.62 2.48 13.23
N THR B 154 5.11 3.32 14.15
CA THR B 154 5.11 4.78 13.97
C THR B 154 6.55 5.24 14.09
N VAL B 155 6.86 6.37 13.46
CA VAL B 155 8.23 6.91 13.41
C VAL B 155 8.15 8.37 13.84
N ALA B 156 9.01 8.79 14.76
CA ALA B 156 9.12 10.16 15.28
C ALA B 156 10.59 10.50 15.37
N TRP B 157 10.94 11.72 14.98
CA TRP B 157 12.30 12.29 15.13
C TRP B 157 12.30 13.32 16.26
N LYS B 158 13.41 13.34 16.99
CA LYS B 158 13.73 14.34 18.04
C LYS B 158 14.98 15.07 17.58
N ALA B 159 15.04 16.37 17.86
CA ALA B 159 16.27 17.19 18.00
C ALA B 159 16.42 17.58 19.48
N ASN B 160 17.62 17.46 20.03
CA ASN B 160 17.86 17.68 21.49
C ASN B 160 16.68 17.08 22.28
N GLY B 161 16.23 15.88 21.93
CA GLY B 161 15.20 15.14 22.67
C GLY B 161 13.82 15.79 22.59
N THR B 162 13.60 16.84 21.78
CA THR B 162 12.24 17.38 21.59
C THR B 162 11.76 17.10 20.17
N PRO B 163 10.43 17.07 19.96
CA PRO B 163 9.83 16.72 18.66
C PRO B 163 10.27 17.57 17.46
N ILE B 164 10.73 16.94 16.37
CA ILE B 164 10.94 17.59 15.05
C ILE B 164 10.08 16.83 14.01
N THR B 165 9.03 17.48 13.52
CA THR B 165 7.96 16.89 12.66
C THR B 165 7.96 17.52 11.27
N GLN B 166 8.64 18.66 11.09
CA GLN B 166 8.76 19.37 9.81
C GLN B 166 9.94 18.79 9.01
N GLY B 167 9.71 18.43 7.75
CA GLY B 167 10.74 17.89 6.83
C GLY B 167 10.91 16.38 6.92
N VAL B 168 9.92 15.66 7.44
CA VAL B 168 10.00 14.18 7.65
C VAL B 168 9.13 13.52 6.60
N ASP B 169 9.72 12.59 5.86
CA ASP B 169 9.05 11.67 4.92
C ASP B 169 9.28 10.24 5.44
N THR B 170 8.20 9.49 5.70
CA THR B 170 8.23 8.14 6.30
C THR B 170 7.45 7.20 5.38
N SER B 171 8.03 6.05 5.06
CA SER B 171 7.40 5.09 4.15
C SER B 171 6.36 4.24 4.87
N ASN B 172 5.51 3.58 4.10
CA ASN B 172 4.59 2.60 4.70
C ASN B 172 5.46 1.33 4.88
N PRO B 173 5.08 0.35 5.71
CA PRO B 173 5.85 -0.89 5.77
C PRO B 173 5.66 -1.78 4.54
N THR B 174 6.71 -2.45 4.10
CA THR B 174 6.67 -3.41 2.96
C THR B 174 7.31 -4.73 3.41
N LYS B 175 6.98 -5.84 2.76
CA LYS B 175 7.51 -7.19 3.11
C LYS B 175 9.01 -7.25 2.86
N GLU B 176 9.73 -7.93 3.73
CA GLU B 176 11.12 -8.35 3.47
C GLU B 176 11.30 -9.72 4.09
N GLY B 177 11.23 -10.75 3.26
CA GLY B 177 11.24 -12.13 3.78
C GLY B 177 9.98 -12.39 4.57
N ASN B 178 10.13 -12.86 5.81
CA ASN B 178 8.98 -13.16 6.68
C ASN B 178 8.79 -11.99 7.65
N LYS B 179 9.35 -10.84 7.32
CA LYS B 179 9.23 -9.64 8.19
C LYS B 179 8.92 -8.40 7.34
N PHE B 180 9.13 -7.20 7.89
CA PHE B 180 8.80 -5.90 7.26
C PHE B 180 9.99 -4.96 7.39
N MET B 181 10.04 -3.97 6.51
CA MET B 181 11.01 -2.84 6.57
C MET B 181 10.29 -1.54 6.26
N ALA B 182 10.81 -0.43 6.78
CA ALA B 182 10.33 0.93 6.49
C ALA B 182 11.52 1.88 6.56
N SER B 183 11.37 3.07 5.97
CA SER B 183 12.43 4.11 5.96
C SER B 183 11.82 5.44 6.39
N SER B 184 12.65 6.28 7.00
CA SER B 184 12.29 7.67 7.36
C SER B 184 13.49 8.58 7.09
N PHE B 185 13.19 9.73 6.49
CA PHE B 185 14.13 10.80 6.10
C PHE B 185 13.75 12.10 6.83
N LEU B 186 14.73 12.71 7.48
CA LEU B 186 14.51 14.04 8.11
C LEU B 186 15.33 15.08 7.33
N HIS B 187 14.65 16.00 6.66
CA HIS B 187 15.32 17.00 5.81
C HIS B 187 15.59 18.26 6.62
N LEU B 188 16.84 18.67 6.69
CA LEU B 188 17.21 19.88 7.44
C LEU B 188 18.25 20.69 6.67
N THR B 189 18.47 21.93 7.07
CA THR B 189 19.63 22.73 6.57
C THR B 189 20.88 22.19 7.26
N SER B 190 22.06 22.41 6.69
CA SER B 190 23.34 21.98 7.31
C SER B 190 23.57 22.70 8.65
N ASP B 191 22.95 23.85 8.89
CA ASP B 191 23.17 24.63 10.15
C ASP B 191 22.35 23.98 11.28
N GLN B 192 21.09 23.64 11.03
CA GLN B 192 20.25 22.84 11.97
C GLN B 192 21.02 21.58 12.37
N TRP B 193 21.61 20.86 11.41
CA TRP B 193 22.38 19.62 11.72
C TRP B 193 23.56 19.98 12.65
N ARG B 194 24.33 21.02 12.31
CA ARG B 194 25.53 21.42 13.07
C ARG B 194 25.17 22.04 14.42
N SER B 195 23.98 22.62 14.58
CA SER B 195 23.64 23.45 15.76
C SER B 195 22.88 22.64 16.85
N HIS B 196 22.59 21.37 16.60
CA HIS B 196 21.94 20.53 17.62
C HIS B 196 22.90 19.53 18.24
N ASN B 197 22.63 19.17 19.47
CA ASN B 197 23.45 18.18 20.20
C ASN B 197 23.19 16.81 19.61
N SER B 198 21.92 16.46 19.47
CA SER B 198 21.58 15.09 19.02
C SER B 198 20.28 15.03 18.25
N PHE B 199 20.14 14.03 17.39
CA PHE B 199 18.84 13.70 16.77
C PHE B 199 18.55 12.24 17.10
N THR B 200 17.26 11.93 17.17
CA THR B 200 16.72 10.62 17.60
C THR B 200 15.69 10.17 16.56
N CYS B 201 15.85 8.92 16.13
CA CYS B 201 14.81 8.23 15.31
C CYS B 201 14.14 7.30 16.31
N GLN B 202 12.85 7.50 16.54
CA GLN B 202 12.13 6.73 17.58
C GLN B 202 10.98 5.97 16.92
N VAL B 203 10.97 4.65 17.08
CA VAL B 203 9.98 3.79 16.39
C VAL B 203 9.16 3.01 17.42
N THR B 204 7.84 3.15 17.39
CA THR B 204 6.90 2.42 18.27
C THR B 204 6.45 1.19 17.51
N HIS B 205 6.36 0.07 18.22
CA HIS B 205 5.93 -1.24 17.68
C HIS B 205 5.28 -2.06 18.80
N GLU B 206 3.97 -2.26 18.71
CA GLU B 206 3.24 -3.22 19.56
C GLU B 206 3.56 -2.94 21.04
N GLY B 207 3.38 -1.70 21.49
CA GLY B 207 3.64 -1.30 22.88
C GLY B 207 5.13 -1.07 23.16
N ASP B 208 6.02 -1.40 22.23
CA ASP B 208 7.47 -1.20 22.42
C ASP B 208 7.93 0.10 21.75
N THR B 209 9.06 0.61 22.22
CA THR B 209 9.76 1.73 21.55
C THR B 209 11.22 1.37 21.47
N VAL B 210 11.80 1.67 20.31
CA VAL B 210 13.25 1.62 20.02
C VAL B 210 13.65 3.02 19.54
N GLU B 211 14.74 3.52 20.08
CA GLU B 211 15.31 4.83 19.74
C GLU B 211 16.77 4.58 19.40
N LYS B 212 17.25 5.24 18.35
CA LYS B 212 18.67 5.36 18.00
C LYS B 212 18.91 6.85 17.80
N SER B 213 19.90 7.38 18.51
CA SER B 213 20.36 8.77 18.40
C SER B 213 21.68 8.87 17.63
N LEU B 214 21.99 10.06 17.12
CA LEU B 214 23.34 10.39 16.56
C LEU B 214 23.61 11.88 16.76
N SER B 215 24.90 12.21 16.85
CA SER B 215 25.46 13.54 17.21
C SER B 215 26.35 14.04 16.09
N PRO B 216 26.31 15.35 15.79
CA PRO B 216 27.35 15.97 14.97
C PRO B 216 28.75 16.03 15.59
N ALA B 217 28.89 15.80 16.90
CA ALA B 217 30.12 16.06 17.69
C ALA B 217 31.20 15.01 17.39
N GLU B 218 32.48 15.41 17.35
CA GLU B 218 33.66 14.49 17.23
C GLU B 218 33.73 13.53 18.43
N CYS B 219 34.42 12.39 18.26
CA CYS B 219 34.55 11.31 19.28
C CYS B 219 35.79 11.56 20.16
N VAL C 1 -38.76 -4.61 -2.60
CA VAL C 1 -37.85 -5.80 -2.49
C VAL C 1 -36.58 -5.53 -3.30
N GLN C 2 -35.48 -6.20 -2.93
CA GLN C 2 -34.16 -6.03 -3.58
C GLN C 2 -34.26 -6.69 -4.94
N ILE C 3 -33.88 -5.96 -5.99
CA ILE C 3 -33.89 -6.54 -7.35
C ILE C 3 -32.50 -6.33 -7.95
N ILE C 4 -31.92 -7.36 -8.54
CA ILE C 4 -30.59 -7.27 -9.21
C ILE C 4 -30.72 -7.91 -10.59
N TYR C 5 -30.76 -7.05 -11.61
CA TYR C 5 -30.70 -7.38 -13.06
C TYR C 5 -29.56 -6.54 -13.64
N LYS C 6 -28.54 -7.18 -14.21
CA LYS C 6 -27.38 -6.50 -14.88
C LYS C 6 -27.27 -6.98 -16.34
#